data_5SME
#
_entry.id   5SME
#
_cell.length_a   67.707
_cell.length_b   67.862
_cell.length_c   138.400
_cell.angle_alpha   90.000
_cell.angle_beta   90.000
_cell.angle_gamma   90.000
#
_symmetry.space_group_name_H-M   'P 21 21 21'
#
loop_
_entity.id
_entity.type
_entity.pdbx_description
1 polymer 'Proofreading exoribonuclease nsp14'
2 non-polymer 'ZINC ION'
3 non-polymer 'PHOSPHATE ION'
4 non-polymer (4-chlorophenyl)(thiomorpholin-4-yl)methanone
5 water water
#
_entity_poly.entity_id   1
_entity_poly.type   'polypeptide(L)'
_entity_poly.pdbx_seq_one_letter_code
;SMLFKDCSKVITGLHPTQAPTHLSVDTKFKTEGLCVDIPGIPKDMTYRRLISMMGFKMNYQVNGYPNMFITREEAIRHVR
AWIGFDVEGCHATREAVGTNLPLQLGFSTGVNLVAVPTGYVDTPNNTDFSRVSAKPPPGDQFKHLIPLMYKGLPWNVVRI
KIVQMLSDTLKNLSDRVVFVLWAHGFELTSMKYFVKIGPERTCCLCDRRATCFSTASDTYACWHHSIGFDYVYNPFMIDV
QQWGFTGNLQSNHDLYCQVHGNAHVASCDAIMTRCLAVHECFVKRVDWTIEYPIIGDELKINAACRKVQHMVVKAALLAD
KFPVLHDIGNPKAIKCVPQADVEWKFYDAQPCSDKAYKIEELFYSYATHSDKFTDGVCLFWNCNVDRYPANSIVCRFDTR
VLSNLNLPGCDGGSLYVNKHAFHTPAFDKSAFVNLKQLPFFYYSDSPCESHGKQVVSDIDYVPLKSATCITRCNLGGAVC
RHHANEYRLYLDAYNMMISAGFSLWVYKQFDTYNLWNTFTRLQ
;
_entity_poly.pdbx_strand_id   D
#
loop_
_chem_comp.id
_chem_comp.type
_chem_comp.name
_chem_comp.formula
I8D non-polymer (4-chlorophenyl)(thiomorpholin-4-yl)methanone 'C11 H12 Cl N O S'
PO4 non-polymer 'PHOSPHATE ION' 'O4 P -3'
ZN non-polymer 'ZINC ION' 'Zn 2'
#
# COMPACT_ATOMS: atom_id res chain seq x y z
N PRO A 20 27.84 7.36 1.11
CA PRO A 20 26.58 7.92 0.61
C PRO A 20 25.43 6.90 0.54
N THR A 21 25.13 6.24 1.65
CA THR A 21 23.93 5.37 1.83
C THR A 21 23.03 5.99 2.92
N HIS A 22 23.55 6.18 4.14
CA HIS A 22 22.80 6.77 5.29
C HIS A 22 22.89 8.31 5.22
N LEU A 23 22.09 9.01 6.01
CA LEU A 23 22.09 10.50 6.09
C LEU A 23 23.18 10.92 7.08
N SER A 24 24.24 11.60 6.62
CA SER A 24 25.34 12.12 7.49
C SER A 24 24.71 12.97 8.59
N VAL A 25 25.11 12.78 9.84
CA VAL A 25 24.63 13.62 10.98
C VAL A 25 25.18 15.04 10.80
N ASP A 26 26.20 15.22 9.94
CA ASP A 26 26.82 16.55 9.68
C ASP A 26 26.08 17.26 8.54
N THR A 27 25.04 16.66 7.96
CA THR A 27 24.13 17.34 7.01
C THR A 27 23.42 18.51 7.72
N LYS A 28 23.18 19.58 6.99
CA LYS A 28 22.50 20.78 7.51
C LYS A 28 21.00 20.48 7.63
N PHE A 29 20.41 21.05 8.66
CA PHE A 29 18.97 20.99 8.95
C PHE A 29 18.48 22.43 9.02
N LYS A 30 17.48 22.76 8.18
CA LYS A 30 16.86 24.11 8.16
C LYS A 30 15.91 24.21 9.37
N THR A 31 16.02 25.24 10.17
CA THR A 31 15.41 25.34 11.53
C THR A 31 14.26 26.33 11.52
N GLU A 32 13.99 26.96 10.38
CA GLU A 32 12.94 28.01 10.28
C GLU A 32 11.60 27.45 10.78
N GLY A 33 11.25 26.24 10.36
CA GLY A 33 10.05 25.52 10.85
C GLY A 33 9.98 25.39 12.36
N LEU A 34 11.14 25.29 13.02
CA LEU A 34 11.26 25.07 14.50
C LEU A 34 11.07 26.36 15.30
N CYS A 35 11.22 27.54 14.68
CA CYS A 35 11.53 28.74 15.47
C CYS A 35 10.28 29.34 16.13
N VAL A 36 9.08 28.83 15.89
CA VAL A 36 7.92 29.39 16.66
C VAL A 36 7.73 28.60 17.97
N ASP A 37 7.90 27.28 17.97
CA ASP A 37 7.94 26.54 19.25
C ASP A 37 9.27 26.77 19.97
N ILE A 38 10.35 26.99 19.22
CA ILE A 38 11.73 27.13 19.81
C ILE A 38 12.33 28.45 19.34
N PRO A 39 11.87 29.58 19.91
CA PRO A 39 12.42 30.88 19.57
C PRO A 39 13.91 30.99 19.91
N GLY A 40 14.69 31.53 18.97
CA GLY A 40 16.14 31.77 19.11
C GLY A 40 16.95 30.66 18.49
N ILE A 41 16.31 29.60 18.01
CA ILE A 41 17.06 28.41 17.52
C ILE A 41 18.07 28.88 16.48
N PRO A 42 19.33 28.39 16.53
CA PRO A 42 20.33 28.80 15.54
C PRO A 42 19.87 28.49 14.12
N LYS A 43 20.19 29.36 13.16
CA LYS A 43 19.93 29.12 11.72
C LYS A 43 20.89 28.03 11.24
N ASP A 44 22.10 28.05 11.76
CA ASP A 44 23.17 27.08 11.40
C ASP A 44 22.98 25.88 12.33
N MET A 45 22.62 24.73 11.76
CA MET A 45 22.21 23.54 12.54
C MET A 45 22.52 22.26 11.76
N THR A 46 23.13 21.25 12.40
CA THR A 46 23.32 19.88 11.84
C THR A 46 22.39 18.91 12.56
N TYR A 47 22.20 17.73 11.98
CA TYR A 47 21.49 16.62 12.65
C TYR A 47 22.20 16.32 13.97
N ARG A 48 23.53 16.24 13.94
CA ARG A 48 24.37 15.98 15.14
C ARG A 48 23.92 16.90 16.26
N ARG A 49 23.91 18.20 16.00
CA ARG A 49 23.56 19.23 17.01
C ARG A 49 22.08 19.08 17.40
N LEU A 50 21.19 18.85 16.43
CA LEU A 50 19.73 18.73 16.68
C LEU A 50 19.46 17.51 17.57
N ILE A 51 20.02 16.36 17.22
CA ILE A 51 19.84 15.11 18.03
C ILE A 51 20.29 15.40 19.47
N SER A 52 21.43 16.08 19.65
CA SER A 52 21.96 16.48 20.97
C SER A 52 20.95 17.36 21.70
N MET A 53 20.36 18.34 21.03
CA MET A 53 19.41 19.27 21.67
C MET A 53 18.11 18.51 21.99
N MET A 54 17.83 17.45 21.25
CA MET A 54 16.63 16.60 21.50
C MET A 54 16.85 15.74 22.74
N GLY A 55 18.05 15.81 23.34
CA GLY A 55 18.40 15.09 24.58
C GLY A 55 18.95 13.69 24.33
N PHE A 56 19.38 13.33 23.13
CA PHE A 56 19.92 11.99 22.79
C PHE A 56 21.43 12.09 22.59
N LYS A 57 22.17 11.04 22.94
CA LYS A 57 23.64 10.96 22.74
C LYS A 57 23.98 9.75 21.88
N MET A 58 24.70 9.96 20.78
CA MET A 58 25.05 8.90 19.79
C MET A 58 26.45 8.32 20.10
N ASN A 59 27.26 8.99 20.93
CA ASN A 59 28.53 8.48 21.53
C ASN A 59 29.60 8.14 20.47
N TYR A 60 29.54 8.75 19.28
CA TYR A 60 30.31 8.35 18.06
C TYR A 60 30.25 6.82 17.95
N GLN A 61 29.05 6.28 17.68
CA GLN A 61 28.77 4.82 17.76
C GLN A 61 28.61 4.26 16.34
N VAL A 62 29.50 3.33 15.97
CA VAL A 62 29.42 2.52 14.72
C VAL A 62 28.68 1.21 15.02
N ASN A 63 27.37 1.25 15.28
CA ASN A 63 26.57 0.05 15.62
C ASN A 63 25.24 0.05 14.84
N GLY A 64 25.28 0.41 13.55
CA GLY A 64 24.16 0.24 12.60
C GLY A 64 23.03 1.25 12.81
N TYR A 65 23.21 2.24 13.68
CA TYR A 65 22.24 3.35 13.92
C TYR A 65 22.97 4.69 13.85
N PRO A 66 23.50 5.09 12.67
CA PRO A 66 24.31 6.30 12.57
C PRO A 66 23.55 7.62 12.76
N ASN A 67 22.24 7.61 12.53
CA ASN A 67 21.39 8.82 12.52
C ASN A 67 19.94 8.42 12.82
N MET A 68 19.26 9.14 13.71
CA MET A 68 17.82 8.98 13.96
C MET A 68 17.06 9.36 12.68
N PHE A 69 17.58 10.36 11.94
CA PHE A 69 16.99 10.89 10.69
C PHE A 69 17.54 10.13 9.50
N ILE A 70 16.73 9.99 8.45
CA ILE A 70 17.04 9.18 7.24
C ILE A 70 16.75 10.00 5.99
N THR A 71 17.39 9.61 4.90
CA THR A 71 17.17 10.18 3.55
C THR A 71 15.76 9.82 3.08
N ARG A 72 15.24 10.61 2.15
CA ARG A 72 14.10 10.31 1.25
C ARG A 72 14.22 8.88 0.68
N GLU A 73 15.34 8.54 0.04
CA GLU A 73 15.56 7.22 -0.60
C GLU A 73 15.37 6.14 0.47
N GLU A 74 15.95 6.32 1.65
CA GLU A 74 15.83 5.32 2.74
C GLU A 74 14.37 5.28 3.17
N ALA A 75 13.69 6.43 3.29
CA ALA A 75 12.27 6.46 3.72
C ALA A 75 11.41 5.71 2.70
N ILE A 76 11.67 5.92 1.41
CA ILE A 76 10.89 5.27 0.32
C ILE A 76 11.04 3.75 0.44
N ARG A 77 12.24 3.24 0.73
CA ARG A 77 12.44 1.77 0.92
C ARG A 77 11.65 1.30 2.16
N HIS A 78 11.35 2.17 3.12
CA HIS A 78 10.72 1.79 4.41
C HIS A 78 9.34 2.42 4.54
N VAL A 79 8.64 2.65 3.42
CA VAL A 79 7.27 3.23 3.35
C VAL A 79 6.30 2.43 4.24
N ARG A 80 6.43 1.10 4.32
CA ARG A 80 5.52 0.29 5.17
C ARG A 80 5.62 0.75 6.62
N ALA A 81 6.73 1.37 6.99
CA ALA A 81 7.03 1.77 8.38
C ALA A 81 6.52 3.19 8.68
N TRP A 82 5.95 3.93 7.71
CA TRP A 82 5.66 5.37 7.91
C TRP A 82 4.51 5.52 8.90
N ILE A 83 4.74 6.31 9.96
CA ILE A 83 3.69 6.79 10.90
C ILE A 83 3.84 8.31 10.99
N GLY A 84 2.90 9.03 10.43
CA GLY A 84 2.85 10.49 10.60
C GLY A 84 2.74 10.76 12.07
N PHE A 85 3.42 11.79 12.54
CA PHE A 85 3.45 12.15 13.97
C PHE A 85 3.46 13.68 14.08
N ASP A 86 2.58 14.21 14.93
CA ASP A 86 2.42 15.66 15.19
C ASP A 86 2.18 15.84 16.68
N VAL A 87 2.73 16.92 17.24
CA VAL A 87 2.46 17.29 18.65
C VAL A 87 1.98 18.74 18.65
N GLU A 88 0.93 19.05 19.41
CA GLU A 88 0.39 20.41 19.59
C GLU A 88 0.38 20.76 21.07
N GLY A 89 0.95 21.92 21.44
CA GLY A 89 0.74 22.58 22.73
C GLY A 89 -0.75 22.69 23.03
N CYS A 90 -1.17 22.23 24.21
CA CYS A 90 -2.59 22.09 24.63
C CYS A 90 -3.02 23.33 25.43
N HIS A 91 -2.10 23.89 26.22
CA HIS A 91 -2.30 25.14 27.00
C HIS A 91 -1.41 26.25 26.42
N GLY A 98 5.41 22.44 26.71
CA GLY A 98 6.80 22.51 27.19
C GLY A 98 6.86 22.57 28.70
N THR A 99 6.89 21.40 29.36
CA THR A 99 7.05 21.23 30.84
C THR A 99 5.92 21.94 31.59
N ASN A 100 5.67 23.22 31.24
CA ASN A 100 4.52 24.02 31.71
C ASN A 100 3.22 23.26 31.41
N LEU A 101 3.00 22.85 30.15
CA LEU A 101 1.64 22.59 29.62
C LEU A 101 1.46 21.15 29.11
N PRO A 102 0.20 20.69 29.01
CA PRO A 102 -0.14 19.43 28.34
C PRO A 102 0.17 19.41 26.83
N LEU A 103 0.68 18.30 26.31
CA LEU A 103 0.93 18.07 24.86
C LEU A 103 -0.12 17.11 24.29
N GLN A 104 -0.66 17.42 23.10
CA GLN A 104 -1.50 16.49 22.31
C GLN A 104 -0.63 15.76 21.29
N LEU A 105 -0.54 14.42 21.38
CA LEU A 105 0.27 13.56 20.49
C LEU A 105 -0.68 12.95 19.45
N GLY A 106 -0.49 13.26 18.18
CA GLY A 106 -1.32 12.71 17.09
C GLY A 106 -0.51 11.79 16.22
N PHE A 107 -1.11 10.68 15.76
CA PHE A 107 -0.46 9.70 14.86
C PHE A 107 -1.37 9.48 13.66
N SER A 108 -0.81 9.11 12.50
CA SER A 108 -1.55 8.83 11.26
C SER A 108 -2.49 7.63 11.45
N THR A 109 -2.42 6.95 12.59
CA THR A 109 -3.40 5.88 12.92
C THR A 109 -4.72 6.54 13.33
N GLY A 110 -4.75 7.87 13.51
CA GLY A 110 -5.98 8.59 13.92
C GLY A 110 -6.07 8.70 15.43
N VAL A 111 -5.03 8.27 16.15
CA VAL A 111 -5.00 8.30 17.64
C VAL A 111 -4.44 9.65 18.13
N ASN A 112 -5.14 10.29 19.08
CA ASN A 112 -4.64 11.45 19.84
C ASN A 112 -4.51 11.07 21.31
N LEU A 113 -3.31 11.18 21.85
CA LEU A 113 -3.02 11.04 23.31
C LEU A 113 -2.65 12.42 23.87
N VAL A 114 -3.20 12.77 25.03
CA VAL A 114 -2.73 13.95 25.81
C VAL A 114 -1.76 13.47 26.90
N ALA A 115 -0.50 13.93 26.85
CA ALA A 115 0.52 13.74 27.89
C ALA A 115 0.59 14.98 28.79
N VAL A 116 0.44 14.81 30.11
CA VAL A 116 0.67 15.89 31.13
C VAL A 116 2.02 15.64 31.78
N PRO A 117 2.75 16.71 32.14
CA PRO A 117 4.06 16.55 32.79
C PRO A 117 3.89 16.29 34.29
N THR A 118 2.68 16.51 34.83
CA THR A 118 2.30 16.30 36.25
C THR A 118 3.35 15.42 36.97
N PRO A 147 -9.83 9.98 14.37
CA PRO A 147 -10.45 11.00 15.24
C PRO A 147 -10.46 10.68 16.76
N LEU A 148 -9.81 9.58 17.19
CA LEU A 148 -9.86 9.06 18.59
C LEU A 148 -9.09 9.99 19.54
N MET A 149 -9.81 10.57 20.51
CA MET A 149 -9.31 11.61 21.45
C MET A 149 -9.33 11.08 22.89
N TYR A 150 -8.15 10.86 23.51
CA TYR A 150 -7.99 10.32 24.90
C TYR A 150 -7.63 11.44 25.88
N LYS A 151 -8.12 11.34 27.12
CA LYS A 151 -7.93 12.32 28.24
C LYS A 151 -6.47 12.30 28.72
N GLY A 152 -6.06 13.36 29.43
CA GLY A 152 -4.66 13.63 29.82
C GLY A 152 -4.14 12.67 30.87
N LEU A 153 -2.97 12.11 30.64
CA LEU A 153 -2.29 11.11 31.52
C LEU A 153 -0.78 11.36 31.49
N PRO A 154 -0.05 10.97 32.56
CA PRO A 154 1.39 11.14 32.59
C PRO A 154 2.10 10.28 31.54
N TRP A 155 3.33 10.67 31.25
CA TRP A 155 4.23 10.04 30.25
C TRP A 155 4.43 8.55 30.54
N ASN A 156 4.53 8.17 31.82
CA ASN A 156 4.83 6.77 32.22
C ASN A 156 3.72 5.86 31.66
N VAL A 157 2.46 6.31 31.59
CA VAL A 157 1.37 5.47 30.99
C VAL A 157 1.26 5.75 29.49
N VAL A 158 1.39 7.01 29.04
CA VAL A 158 1.29 7.37 27.60
C VAL A 158 2.31 6.53 26.79
N ARG A 159 3.53 6.36 27.32
CA ARG A 159 4.60 5.67 26.53
C ARG A 159 4.20 4.21 26.30
N ILE A 160 3.51 3.56 27.26
CA ILE A 160 3.02 2.14 27.16
C ILE A 160 2.02 2.04 26.00
N LYS A 161 1.06 2.97 25.93
CA LYS A 161 0.06 3.05 24.85
C LYS A 161 0.76 3.27 23.51
N ILE A 162 1.86 4.04 23.46
CA ILE A 162 2.55 4.35 22.17
C ILE A 162 3.15 3.05 21.62
N VAL A 163 3.80 2.27 22.48
CA VAL A 163 4.42 0.96 22.10
C VAL A 163 3.32 -0.02 21.66
N GLN A 164 2.21 -0.12 22.38
CA GLN A 164 1.11 -1.07 22.04
C GLN A 164 0.58 -0.70 20.65
N MET A 165 0.31 0.58 20.43
CA MET A 165 -0.28 1.10 19.17
C MET A 165 0.66 0.85 17.98
N LEU A 166 1.93 1.25 18.09
CA LEU A 166 2.93 1.05 17.00
C LEU A 166 3.13 -0.45 16.73
N SER A 167 3.19 -1.27 17.78
CA SER A 167 3.41 -2.73 17.67
C SER A 167 2.24 -3.37 16.90
N ASP A 168 1.00 -3.04 17.26
CA ASP A 168 -0.20 -3.58 16.57
C ASP A 168 -0.25 -3.09 15.12
N THR A 169 0.04 -1.81 14.88
CA THR A 169 -0.01 -1.23 13.51
C THR A 169 1.09 -1.88 12.66
N LEU A 170 2.28 -2.11 13.22
CA LEU A 170 3.49 -2.30 12.38
C LEU A 170 3.95 -3.75 12.31
N LYS A 171 3.56 -4.61 13.27
CA LYS A 171 4.20 -5.95 13.39
C LYS A 171 4.08 -6.74 12.08
N ASN A 172 3.00 -6.56 11.32
CA ASN A 172 2.79 -7.33 10.06
C ASN A 172 3.25 -6.51 8.85
N LEU A 173 3.84 -5.33 9.05
CA LEU A 173 4.22 -4.40 7.95
C LEU A 173 5.74 -4.32 7.82
N SER A 174 6.45 -4.12 8.92
CA SER A 174 7.83 -3.60 8.88
C SER A 174 8.60 -4.01 10.13
N ASP A 175 9.93 -4.09 9.99
CA ASP A 175 10.91 -4.30 11.08
C ASP A 175 11.20 -2.99 11.82
N ARG A 176 10.62 -1.84 11.45
CA ARG A 176 10.94 -0.54 12.11
C ARG A 176 9.73 0.40 12.13
N VAL A 177 9.93 1.58 12.72
CA VAL A 177 9.02 2.74 12.59
C VAL A 177 9.82 3.89 11.98
N VAL A 178 9.20 4.61 11.03
CA VAL A 178 9.70 5.91 10.46
C VAL A 178 8.67 6.99 10.82
N PHE A 179 8.98 7.85 11.77
CA PHE A 179 8.04 8.95 12.15
C PHE A 179 8.12 10.02 11.06
N VAL A 180 6.99 10.28 10.42
CA VAL A 180 6.92 11.26 9.32
C VAL A 180 6.42 12.57 9.94
N LEU A 181 7.29 13.58 9.91
CA LEU A 181 7.11 14.88 10.61
C LEU A 181 6.94 16.02 9.60
N TRP A 182 6.17 17.01 10.03
CA TRP A 182 6.23 18.42 9.57
C TRP A 182 6.65 19.24 10.79
N ALA A 183 7.95 19.28 11.01
CA ALA A 183 8.54 19.53 12.35
C ALA A 183 8.38 20.99 12.71
N HIS A 184 7.75 21.30 13.84
CA HIS A 184 7.72 22.69 14.35
C HIS A 184 8.32 22.80 15.75
N GLY A 185 8.75 21.71 16.37
CA GLY A 185 9.51 21.75 17.63
C GLY A 185 8.98 20.83 18.72
N PHE A 186 7.69 20.90 19.08
CA PHE A 186 7.16 20.08 20.18
C PHE A 186 7.28 18.58 19.86
N GLU A 187 7.20 18.18 18.59
CA GLU A 187 7.29 16.74 18.25
C GLU A 187 8.70 16.27 18.62
N LEU A 188 9.72 17.02 18.23
CA LEU A 188 11.14 16.62 18.50
C LEU A 188 11.43 16.67 20.00
N THR A 189 10.92 17.64 20.74
CA THR A 189 11.21 17.76 22.19
C THR A 189 10.44 16.66 22.93
N SER A 190 9.41 16.04 22.34
CA SER A 190 8.58 15.03 23.05
C SER A 190 9.27 13.66 23.01
N MET A 191 10.23 13.47 22.12
CA MET A 191 10.75 12.12 21.85
C MET A 191 11.51 11.56 23.06
N LYS A 192 12.24 12.39 23.79
CA LYS A 192 13.02 11.91 24.96
C LYS A 192 12.09 11.18 25.95
N TYR A 193 10.78 11.43 25.89
CA TYR A 193 9.83 10.95 26.92
C TYR A 193 9.31 9.55 26.56
N PHE A 194 9.53 9.07 25.32
CA PHE A 194 9.03 7.73 24.92
C PHE A 194 10.02 7.00 24.02
N VAL A 195 11.19 7.57 23.73
CA VAL A 195 12.21 6.95 22.83
C VAL A 195 13.50 6.70 23.61
N LYS A 196 14.11 5.53 23.41
CA LYS A 196 15.51 5.24 23.80
C LYS A 196 16.25 4.80 22.54
N ILE A 197 17.53 5.08 22.46
CA ILE A 197 18.39 4.71 21.31
C ILE A 197 19.65 4.02 21.82
N GLY A 198 20.38 3.38 20.92
CA GLY A 198 21.63 2.72 21.27
C GLY A 198 22.05 1.85 20.11
N PRO A 199 22.87 0.81 20.36
CA PRO A 199 23.24 -0.09 19.29
C PRO A 199 22.03 -0.89 18.78
N GLU A 200 22.05 -1.25 17.50
CA GLU A 200 21.09 -2.20 16.92
C GLU A 200 21.12 -3.44 17.81
N ARG A 201 19.96 -4.04 18.08
CA ARG A 201 19.78 -5.22 18.95
C ARG A 201 18.78 -6.17 18.32
N THR A 202 18.75 -7.41 18.80
CA THR A 202 17.72 -8.39 18.39
C THR A 202 16.69 -8.50 19.51
N CYS A 203 15.51 -8.99 19.16
CA CYS A 203 14.42 -9.32 20.09
C CYS A 203 14.94 -10.33 21.13
N CYS A 204 14.48 -10.25 22.37
CA CYS A 204 14.79 -11.24 23.43
C CYS A 204 14.16 -12.60 23.09
N LEU A 205 13.00 -12.64 22.43
CA LEU A 205 12.24 -13.89 22.10
C LEU A 205 12.38 -14.31 20.61
N CYS A 206 13.04 -13.57 19.73
CA CYS A 206 13.22 -13.97 18.30
C CYS A 206 14.44 -13.26 17.68
N ASP A 207 14.62 -13.48 16.37
CA ASP A 207 15.81 -13.05 15.58
C ASP A 207 15.57 -11.70 14.91
N ARG A 208 14.36 -11.15 15.01
CA ARG A 208 14.00 -9.84 14.39
C ARG A 208 14.71 -8.71 15.13
N ARG A 209 15.06 -7.62 14.44
CA ARG A 209 15.67 -6.45 15.10
C ARG A 209 14.69 -5.91 16.16
N ALA A 210 15.23 -5.38 17.25
CA ALA A 210 14.46 -4.82 18.38
C ALA A 210 13.93 -3.43 18.01
N THR A 211 12.70 -3.14 18.45
CA THR A 211 11.95 -1.90 18.14
C THR A 211 11.43 -1.27 19.43
N CYS A 212 11.50 -2.00 20.54
CA CYS A 212 10.93 -1.62 21.85
C CYS A 212 11.93 -2.01 22.96
N PHE A 213 11.83 -1.35 24.10
CA PHE A 213 12.66 -1.58 25.30
C PHE A 213 11.72 -1.56 26.50
N SER A 214 12.00 -2.39 27.50
CA SER A 214 11.27 -2.41 28.80
C SER A 214 12.22 -1.96 29.91
N THR A 215 11.86 -0.89 30.64
CA THR A 215 12.55 -0.48 31.89
C THR A 215 12.23 -1.49 33.01
N ALA A 216 11.09 -2.16 32.98
CA ALA A 216 10.71 -3.19 33.99
C ALA A 216 11.70 -4.36 33.94
N SER A 217 11.86 -4.98 32.77
CA SER A 217 12.64 -6.23 32.59
C SER A 217 14.06 -5.92 32.08
N ASP A 218 14.36 -4.69 31.66
CA ASP A 218 15.69 -4.34 31.07
C ASP A 218 15.95 -5.19 29.81
N THR A 219 14.93 -5.45 28.97
CA THR A 219 15.06 -6.27 27.74
C THR A 219 14.51 -5.53 26.52
N TYR A 220 14.69 -6.15 25.36
CA TYR A 220 14.42 -5.62 24.01
C TYR A 220 13.48 -6.58 23.27
N ALA A 221 12.47 -6.06 22.58
CA ALA A 221 11.56 -6.88 21.77
C ALA A 221 11.38 -6.23 20.41
N CYS A 222 10.98 -7.03 19.43
CA CYS A 222 10.43 -6.58 18.14
C CYS A 222 8.95 -6.21 18.34
N TRP A 223 8.24 -5.88 17.25
CA TRP A 223 6.81 -5.45 17.32
C TRP A 223 5.95 -6.63 17.77
N HIS A 224 6.33 -7.87 17.42
CA HIS A 224 5.57 -9.10 17.74
C HIS A 224 5.59 -9.43 19.25
N HIS A 225 6.62 -8.98 19.99
CA HIS A 225 7.00 -9.55 21.31
C HIS A 225 7.03 -8.48 22.40
N SER A 226 6.32 -7.37 22.23
CA SER A 226 6.57 -6.10 22.95
C SER A 226 5.49 -5.84 24.00
N ILE A 227 4.59 -6.78 24.26
CA ILE A 227 3.44 -6.51 25.18
C ILE A 227 4.04 -6.10 26.54
N GLY A 228 3.54 -5.02 27.15
CA GLY A 228 4.07 -4.54 28.45
C GLY A 228 5.36 -3.70 28.33
N PHE A 229 5.98 -3.58 27.16
CA PHE A 229 7.17 -2.72 26.96
C PHE A 229 6.72 -1.25 26.93
N ASP A 230 7.64 -0.34 27.26
CA ASP A 230 7.29 1.06 27.62
C ASP A 230 8.10 2.07 26.78
N TYR A 231 9.10 1.65 26.02
CA TYR A 231 9.93 2.59 25.22
C TYR A 231 10.06 2.10 23.78
N VAL A 232 9.93 3.05 22.85
CA VAL A 232 10.28 2.86 21.41
C VAL A 232 11.79 2.96 21.34
N TYR A 233 12.40 2.01 20.65
CA TYR A 233 13.86 1.81 20.63
C TYR A 233 14.36 1.90 19.19
N ASN A 234 15.30 2.82 18.96
CA ASN A 234 15.93 3.08 17.63
C ASN A 234 14.84 3.33 16.58
N PRO A 235 13.90 4.27 16.86
CA PRO A 235 12.99 4.74 15.82
C PRO A 235 13.79 5.47 14.74
N PHE A 236 13.24 5.60 13.54
CA PHE A 236 13.73 6.54 12.49
C PHE A 236 12.69 7.62 12.27
N MET A 237 13.11 8.69 11.60
CA MET A 237 12.26 9.89 11.40
C MET A 237 12.80 10.69 10.22
N ILE A 238 11.89 11.50 9.65
CA ILE A 238 12.15 12.38 8.47
C ILE A 238 11.25 13.61 8.62
N ASP A 239 11.85 14.79 8.48
CA ASP A 239 11.13 16.08 8.55
C ASP A 239 10.86 16.47 7.10
N VAL A 240 9.58 16.42 6.70
CA VAL A 240 9.06 16.65 5.33
C VAL A 240 9.37 18.10 4.96
N GLN A 241 9.35 18.97 5.96
CA GLN A 241 9.63 20.41 5.82
C GLN A 241 11.06 20.63 5.32
N GLN A 242 11.96 19.65 5.40
CA GLN A 242 13.35 19.80 4.91
C GLN A 242 13.38 19.64 3.39
N TRP A 243 12.27 19.32 2.75
CA TRP A 243 12.26 18.94 1.31
C TRP A 243 12.13 20.19 0.43
N GLY A 244 11.76 21.33 1.02
CA GLY A 244 11.78 22.63 0.34
C GLY A 244 10.42 22.95 -0.20
N PHE A 245 9.49 23.26 0.70
CA PHE A 245 8.09 23.67 0.45
C PHE A 245 7.94 25.13 0.86
N THR A 246 6.98 25.82 0.23
CA THR A 246 6.52 27.19 0.59
C THR A 246 5.19 27.06 1.31
N GLY A 247 5.02 27.80 2.40
CA GLY A 247 3.75 27.84 3.15
C GLY A 247 3.55 26.58 3.96
N ASN A 248 2.44 26.54 4.69
CA ASN A 248 2.23 25.58 5.80
C ASN A 248 1.81 24.20 5.24
N LEU A 249 1.63 23.24 6.16
CA LEU A 249 1.28 21.83 5.86
C LEU A 249 -0.03 21.78 5.09
N GLN A 250 -1.08 22.37 5.67
CA GLN A 250 -2.45 22.28 5.13
C GLN A 250 -2.46 22.78 3.69
N SER A 251 -1.89 23.98 3.45
CA SER A 251 -1.88 24.61 2.11
C SER A 251 -1.15 23.69 1.11
N ASN A 252 -0.14 22.94 1.54
CA ASN A 252 0.60 22.05 0.61
C ASN A 252 -0.17 20.74 0.41
N HIS A 253 -0.73 20.18 1.48
CA HIS A 253 -1.49 18.90 1.42
C HIS A 253 -2.70 19.09 0.50
N ASP A 254 -3.48 20.14 0.75
CA ASP A 254 -4.76 20.47 0.06
C ASP A 254 -4.54 20.73 -1.44
N LEU A 255 -3.33 21.01 -1.90
CA LEU A 255 -3.06 21.08 -3.36
C LEU A 255 -3.38 19.73 -4.02
N TYR A 256 -3.21 18.62 -3.31
CA TYR A 256 -3.18 17.24 -3.87
C TYR A 256 -4.30 16.36 -3.36
N CYS A 257 -5.03 16.76 -2.31
CA CYS A 257 -5.91 15.84 -1.55
C CYS A 257 -7.10 16.56 -0.93
N GLN A 258 -8.32 16.08 -1.21
CA GLN A 258 -9.61 16.65 -0.73
C GLN A 258 -10.27 15.70 0.29
N VAL A 259 -9.60 14.62 0.68
CA VAL A 259 -10.21 13.52 1.48
C VAL A 259 -9.85 13.67 2.96
N HIS A 260 -8.72 14.29 3.28
CA HIS A 260 -8.22 14.51 4.66
C HIS A 260 -8.48 15.96 5.08
N GLY A 261 -9.49 16.21 5.89
CA GLY A 261 -9.83 17.55 6.38
C GLY A 261 -8.84 18.00 7.43
N ASN A 262 -8.95 19.24 7.89
CA ASN A 262 -8.20 19.73 9.07
C ASN A 262 -9.18 20.10 10.16
N ALA A 263 -9.41 19.17 11.08
CA ALA A 263 -10.22 19.37 12.29
C ALA A 263 -9.39 20.10 13.37
N HIS A 264 -8.19 20.60 13.04
CA HIS A 264 -7.29 21.33 13.97
C HIS A 264 -7.02 20.45 15.21
N VAL A 265 -6.59 19.21 14.98
CA VAL A 265 -6.20 18.23 16.02
C VAL A 265 -4.99 17.46 15.50
N ALA A 266 -4.12 17.03 16.42
CA ALA A 266 -2.76 16.52 16.13
C ALA A 266 -2.82 15.39 15.10
N SER A 267 -3.74 14.44 15.25
CA SER A 267 -3.86 13.28 14.33
C SER A 267 -4.16 13.75 12.90
N CYS A 268 -4.94 14.82 12.73
CA CYS A 268 -5.26 15.39 11.39
C CYS A 268 -3.96 15.86 10.70
N ASP A 269 -3.10 16.59 11.42
CA ASP A 269 -1.79 17.00 10.87
C ASP A 269 -0.93 15.76 10.58
N ALA A 270 -0.95 14.77 11.47
CA ALA A 270 -0.15 13.54 11.33
C ALA A 270 -0.54 12.83 10.03
N ILE A 271 -1.85 12.69 9.81
CA ILE A 271 -2.43 12.09 8.58
C ILE A 271 -2.03 12.93 7.37
N MET A 272 -2.19 14.25 7.42
CA MET A 272 -1.87 15.15 6.28
C MET A 272 -0.39 15.06 5.92
N THR A 273 0.49 15.00 6.95
CA THR A 273 1.97 14.94 6.79
C THR A 273 2.34 13.68 6.00
N ARG A 274 1.84 12.51 6.44
CA ARG A 274 2.09 11.22 5.75
C ARG A 274 1.51 11.26 4.33
N CYS A 275 0.28 11.78 4.15
CA CYS A 275 -0.38 11.91 2.81
C CYS A 275 0.55 12.72 1.89
N LEU A 276 0.97 13.90 2.34
CA LEU A 276 1.85 14.78 1.52
C LEU A 276 3.13 14.02 1.14
N ALA A 277 3.73 13.32 2.12
CA ALA A 277 4.95 12.50 1.91
C ALA A 277 4.67 11.43 0.85
N VAL A 278 3.56 10.71 0.98
CA VAL A 278 3.19 9.67 -0.04
C VAL A 278 3.00 10.35 -1.40
N HIS A 279 2.34 11.52 -1.43
CA HIS A 279 2.16 12.25 -2.71
C HIS A 279 3.52 12.49 -3.36
N GLU A 280 4.47 13.07 -2.60
CA GLU A 280 5.80 13.47 -3.11
C GLU A 280 6.61 12.26 -3.59
N CYS A 281 6.44 11.11 -2.95
CA CYS A 281 7.41 9.99 -3.12
C CYS A 281 6.86 8.92 -4.06
N PHE A 282 5.52 8.85 -4.23
CA PHE A 282 4.84 7.75 -4.98
C PHE A 282 3.80 8.23 -6.00
N VAL A 283 3.42 9.52 -6.01
CA VAL A 283 2.47 10.06 -7.03
C VAL A 283 3.26 10.89 -8.03
N LYS A 284 3.79 12.04 -7.61
CA LYS A 284 4.55 12.96 -8.49
C LYS A 284 5.88 12.31 -8.89
N ARG A 285 6.56 11.64 -7.96
CA ARG A 285 7.74 10.79 -8.24
C ARG A 285 7.28 9.34 -8.17
N VAL A 286 7.85 8.47 -9.00
CA VAL A 286 7.48 7.01 -9.09
C VAL A 286 8.75 6.23 -9.41
N ASP A 287 9.09 5.24 -8.58
CA ASP A 287 10.27 4.37 -8.77
C ASP A 287 9.86 2.90 -8.59
N TRP A 288 9.79 2.17 -9.70
CA TRP A 288 9.33 0.77 -9.79
C TRP A 288 10.53 -0.19 -9.75
N THR A 289 11.76 0.34 -9.70
CA THR A 289 12.99 -0.48 -9.55
C THR A 289 13.06 -1.00 -8.11
N ILE A 290 12.63 -0.18 -7.15
CA ILE A 290 12.74 -0.48 -5.70
C ILE A 290 11.92 -1.73 -5.41
N GLU A 291 12.58 -2.77 -4.91
CA GLU A 291 11.95 -4.04 -4.46
C GLU A 291 11.56 -3.84 -2.99
N TYR A 292 10.55 -4.57 -2.52
CA TYR A 292 10.09 -4.53 -1.11
C TYR A 292 9.97 -5.97 -0.66
N PRO A 293 10.40 -6.29 0.58
CA PRO A 293 10.32 -7.66 1.10
C PRO A 293 8.92 -8.28 0.98
N ILE A 294 8.88 -9.62 0.91
CA ILE A 294 7.64 -10.45 1.07
C ILE A 294 7.21 -10.37 2.54
N ILE A 295 5.96 -10.00 2.84
CA ILE A 295 5.45 -9.94 4.24
C ILE A 295 4.13 -10.71 4.36
N GLY A 296 3.64 -11.27 3.26
CA GLY A 296 2.28 -11.83 3.18
C GLY A 296 2.13 -12.78 2.00
N ASP A 297 0.97 -12.74 1.35
CA ASP A 297 0.62 -13.74 0.30
C ASP A 297 1.03 -13.21 -1.06
N GLU A 298 1.97 -12.26 -1.12
CA GLU A 298 2.39 -11.64 -2.39
C GLU A 298 2.45 -12.72 -3.47
N LEU A 299 3.12 -13.83 -3.22
CA LEU A 299 3.46 -14.77 -4.31
C LEU A 299 2.19 -15.51 -4.78
N LYS A 300 1.36 -15.96 -3.84
CA LYS A 300 0.09 -16.66 -4.14
C LYS A 300 -0.83 -15.72 -4.95
N ILE A 301 -0.96 -14.47 -4.49
CA ILE A 301 -1.83 -13.41 -5.09
C ILE A 301 -1.40 -13.20 -6.54
N ASN A 302 -0.10 -13.13 -6.78
CA ASN A 302 0.44 -12.80 -8.13
C ASN A 302 0.17 -14.00 -9.05
N ALA A 303 0.40 -15.22 -8.54
CA ALA A 303 0.12 -16.48 -9.26
C ALA A 303 -1.37 -16.55 -9.61
N ALA A 304 -2.24 -16.25 -8.64
CA ALA A 304 -3.70 -16.29 -8.78
C ALA A 304 -4.10 -15.32 -9.91
N CYS A 305 -3.53 -14.12 -9.89
CA CYS A 305 -3.78 -13.05 -10.88
C CYS A 305 -3.47 -13.60 -12.27
N ARG A 306 -2.34 -14.30 -12.43
CA ARG A 306 -1.97 -14.88 -13.75
C ARG A 306 -3.01 -15.93 -14.12
N LYS A 307 -3.46 -16.77 -13.18
CA LYS A 307 -4.36 -17.90 -13.51
C LYS A 307 -5.73 -17.36 -13.91
N VAL A 308 -6.28 -16.43 -13.13
CA VAL A 308 -7.62 -15.84 -13.37
C VAL A 308 -7.58 -15.11 -14.72
N GLN A 309 -6.51 -14.38 -14.99
CA GLN A 309 -6.44 -13.59 -16.25
C GLN A 309 -6.50 -14.55 -17.44
N HIS A 310 -5.70 -15.62 -17.43
CA HIS A 310 -5.70 -16.64 -18.52
C HIS A 310 -7.12 -17.23 -18.64
N MET A 311 -7.74 -17.60 -17.52
CA MET A 311 -9.06 -18.29 -17.48
C MET A 311 -10.09 -17.37 -18.14
N VAL A 312 -10.17 -16.12 -17.68
CA VAL A 312 -11.30 -15.22 -18.03
C VAL A 312 -11.19 -14.80 -19.51
N VAL A 313 -9.99 -14.51 -19.96
CA VAL A 313 -9.76 -14.07 -21.36
C VAL A 313 -9.95 -15.25 -22.30
N LYS A 314 -9.41 -16.41 -21.93
CA LYS A 314 -9.60 -17.66 -22.71
C LYS A 314 -11.10 -17.88 -22.93
N ALA A 315 -11.92 -17.71 -21.89
CA ALA A 315 -13.36 -18.02 -21.92
C ALA A 315 -14.11 -16.97 -22.74
N ALA A 316 -13.76 -15.69 -22.59
CA ALA A 316 -14.32 -14.57 -23.40
C ALA A 316 -14.08 -14.83 -24.90
N LEU A 317 -12.88 -15.23 -25.29
CA LEU A 317 -12.57 -15.47 -26.71
C LEU A 317 -13.42 -16.65 -27.21
N LEU A 318 -13.58 -17.71 -26.42
CA LEU A 318 -14.30 -18.95 -26.81
C LEU A 318 -15.79 -18.66 -26.91
N ALA A 319 -16.34 -17.96 -25.91
CA ALA A 319 -17.77 -17.64 -25.78
C ALA A 319 -18.22 -16.70 -26.90
N ASP A 320 -17.45 -15.64 -27.20
CA ASP A 320 -17.91 -14.54 -28.10
C ASP A 320 -17.04 -14.42 -29.35
N LYS A 321 -15.95 -15.20 -29.47
CA LYS A 321 -15.14 -15.36 -30.70
C LYS A 321 -14.70 -14.02 -31.32
N PHE A 322 -14.39 -13.01 -30.52
CA PHE A 322 -13.83 -11.71 -31.02
C PHE A 322 -12.69 -11.98 -31.99
N PRO A 323 -12.67 -11.29 -33.15
CA PRO A 323 -11.55 -11.40 -34.09
C PRO A 323 -10.29 -10.61 -33.67
N VAL A 324 -10.44 -9.64 -32.78
CA VAL A 324 -9.30 -8.79 -32.33
C VAL A 324 -9.45 -8.52 -30.83
N LEU A 325 -8.34 -8.58 -30.10
CA LEU A 325 -8.24 -8.18 -28.68
C LEU A 325 -7.26 -7.00 -28.57
N HIS A 326 -7.70 -5.91 -27.95
CA HIS A 326 -6.88 -4.70 -27.68
C HIS A 326 -6.42 -4.73 -26.23
N ASP A 327 -5.15 -5.06 -26.03
CA ASP A 327 -4.52 -5.27 -24.69
C ASP A 327 -3.89 -3.94 -24.25
N ILE A 328 -4.59 -3.18 -23.40
CA ILE A 328 -4.22 -1.80 -22.98
C ILE A 328 -3.64 -1.84 -21.57
N GLY A 329 -2.38 -1.49 -21.43
CA GLY A 329 -1.73 -1.36 -20.11
C GLY A 329 -0.27 -1.73 -20.18
N ASN A 330 0.21 -2.41 -19.16
CA ASN A 330 1.66 -2.59 -18.93
C ASN A 330 2.38 -2.83 -20.26
N PRO A 331 3.38 -1.99 -20.61
CA PRO A 331 4.14 -2.17 -21.84
C PRO A 331 4.99 -3.45 -21.87
N LYS A 332 5.15 -4.15 -20.74
CA LYS A 332 5.90 -5.43 -20.66
C LYS A 332 4.95 -6.63 -20.85
N ALA A 333 3.63 -6.39 -20.93
CA ALA A 333 2.57 -7.43 -20.94
C ALA A 333 2.82 -8.44 -22.06
N ILE A 334 2.57 -9.72 -21.76
CA ILE A 334 2.69 -10.88 -22.69
C ILE A 334 1.26 -11.37 -22.97
N LYS A 335 1.02 -12.01 -24.11
CA LYS A 335 -0.28 -12.66 -24.43
C LYS A 335 -0.63 -13.63 -23.29
N CYS A 336 -1.75 -13.41 -22.58
CA CYS A 336 -2.16 -14.26 -21.43
C CYS A 336 -2.80 -15.56 -21.92
N VAL A 337 -3.28 -15.60 -23.18
CA VAL A 337 -3.83 -16.80 -23.87
C VAL A 337 -3.07 -17.03 -25.18
N PRO A 338 -1.81 -17.54 -25.11
CA PRO A 338 -0.94 -17.64 -26.28
C PRO A 338 -1.45 -18.51 -27.44
N GLN A 339 -2.45 -19.37 -27.20
CA GLN A 339 -2.93 -20.33 -28.21
C GLN A 339 -4.17 -19.78 -28.94
N ALA A 340 -4.80 -18.73 -28.41
CA ALA A 340 -6.09 -18.18 -28.91
C ALA A 340 -5.95 -17.75 -30.36
N ASP A 341 -7.05 -17.81 -31.12
CA ASP A 341 -7.06 -17.54 -32.59
C ASP A 341 -6.80 -16.06 -32.89
N VAL A 342 -7.21 -15.18 -31.99
CA VAL A 342 -7.51 -13.73 -32.15
C VAL A 342 -6.28 -12.93 -32.62
N GLU A 343 -6.54 -11.78 -33.26
CA GLU A 343 -5.53 -10.73 -33.52
C GLU A 343 -5.27 -9.97 -32.21
N TRP A 344 -4.10 -10.19 -31.62
CA TRP A 344 -3.68 -9.60 -30.33
C TRP A 344 -2.89 -8.32 -30.59
N LYS A 345 -3.39 -7.17 -30.15
CA LYS A 345 -2.78 -5.84 -30.40
C LYS A 345 -2.52 -5.17 -29.05
N PHE A 346 -1.28 -4.79 -28.79
CA PHE A 346 -0.84 -4.18 -27.51
C PHE A 346 -0.76 -2.65 -27.63
N TYR A 347 -1.13 -1.99 -26.54
CA TYR A 347 -1.10 -0.52 -26.34
C TYR A 347 -0.43 -0.29 -24.98
N ASP A 348 0.64 0.50 -24.98
CA ASP A 348 1.51 0.78 -23.80
C ASP A 348 0.88 1.88 -22.96
N ALA A 349 0.61 1.59 -21.70
CA ALA A 349 0.26 2.58 -20.66
C ALA A 349 0.86 2.11 -19.34
N GLN A 350 1.71 2.94 -18.75
CA GLN A 350 2.25 2.69 -17.39
C GLN A 350 1.09 2.77 -16.42
N PRO A 351 1.21 2.12 -15.24
CA PRO A 351 0.26 2.26 -14.15
C PRO A 351 0.10 3.74 -13.77
N CYS A 352 -1.11 4.29 -13.81
CA CYS A 352 -1.38 5.70 -13.43
C CYS A 352 -1.39 5.76 -11.90
N SER A 353 -0.53 6.60 -11.32
CA SER A 353 -0.41 6.78 -9.85
C SER A 353 -1.29 7.95 -9.37
N ASP A 354 -1.65 8.89 -10.24
CA ASP A 354 -2.29 10.14 -9.79
C ASP A 354 -3.80 10.06 -9.98
N LYS A 355 -4.28 10.37 -11.19
CA LYS A 355 -5.70 10.28 -11.60
C LYS A 355 -5.84 9.08 -12.54
N ALA A 356 -7.00 8.41 -12.56
CA ALA A 356 -7.33 7.42 -13.60
C ALA A 356 -7.10 8.03 -14.99
N TYR A 357 -6.59 7.27 -15.94
CA TYR A 357 -6.52 7.68 -17.37
C TYR A 357 -7.91 8.07 -17.86
N LYS A 358 -7.95 9.06 -18.74
CA LYS A 358 -9.17 9.43 -19.50
C LYS A 358 -9.23 8.54 -20.75
N ILE A 359 -10.33 7.80 -20.91
CA ILE A 359 -10.52 6.92 -22.10
C ILE A 359 -10.38 7.78 -23.37
N GLU A 360 -10.82 9.04 -23.35
CA GLU A 360 -10.70 9.97 -24.50
C GLU A 360 -9.23 10.05 -24.93
N GLU A 361 -8.29 10.14 -23.98
CA GLU A 361 -6.85 10.33 -24.30
C GLU A 361 -6.22 8.98 -24.67
N LEU A 362 -6.58 7.87 -24.01
CA LEU A 362 -6.04 6.52 -24.35
C LEU A 362 -6.39 6.16 -25.81
N PHE A 363 -7.62 6.43 -26.23
CA PHE A 363 -8.18 6.00 -27.54
C PHE A 363 -8.11 7.13 -28.56
N TYR A 364 -7.59 8.29 -28.18
CA TYR A 364 -7.37 9.46 -29.08
C TYR A 364 -6.72 8.99 -30.38
N SER A 365 -7.30 9.33 -31.52
CA SER A 365 -6.75 9.01 -32.87
C SER A 365 -5.81 10.15 -33.30
N TYR A 366 -4.55 9.83 -33.60
CA TYR A 366 -3.49 10.81 -33.96
C TYR A 366 -3.33 10.89 -35.48
N ALA A 367 -3.94 9.95 -36.20
CA ALA A 367 -3.92 9.86 -37.67
C ALA A 367 -5.07 8.96 -38.12
N THR A 368 -5.39 8.95 -39.41
CA THR A 368 -6.46 8.09 -40.00
C THR A 368 -5.94 6.65 -40.10
N HIS A 369 -6.85 5.67 -40.19
CA HIS A 369 -6.56 4.20 -40.20
C HIS A 369 -6.03 3.75 -38.83
N SER A 370 -6.11 4.58 -37.78
CA SER A 370 -5.77 4.19 -36.39
C SER A 370 -6.79 3.16 -35.89
N ASP A 371 -6.41 2.32 -34.93
CA ASP A 371 -7.13 1.07 -34.56
C ASP A 371 -8.55 1.41 -34.07
N LYS A 372 -9.54 0.63 -34.52
CA LYS A 372 -10.95 0.70 -34.05
C LYS A 372 -11.06 -0.13 -32.77
N PHE A 373 -11.12 0.54 -31.61
CA PHE A 373 -11.23 -0.10 -30.26
C PHE A 373 -12.64 -0.69 -30.06
N THR A 374 -13.59 -0.33 -30.91
CA THR A 374 -15.00 -0.81 -30.88
C THR A 374 -15.08 -2.19 -31.53
N ASP A 375 -14.12 -2.55 -32.38
CA ASP A 375 -13.95 -3.91 -32.95
C ASP A 375 -13.44 -4.83 -31.83
N GLY A 376 -13.99 -6.04 -31.74
CA GLY A 376 -13.59 -7.09 -30.80
C GLY A 376 -13.71 -6.64 -29.36
N VAL A 377 -12.70 -6.90 -28.55
CA VAL A 377 -12.78 -6.69 -27.09
C VAL A 377 -11.54 -5.94 -26.60
N CYS A 378 -11.71 -5.16 -25.55
CA CYS A 378 -10.61 -4.43 -24.89
C CYS A 378 -10.31 -5.09 -23.56
N LEU A 379 -9.05 -5.43 -23.33
CA LEU A 379 -8.53 -6.01 -22.07
C LEU A 379 -7.81 -4.88 -21.31
N PHE A 380 -8.41 -4.44 -20.21
CA PHE A 380 -7.80 -3.50 -19.24
C PHE A 380 -7.42 -4.25 -17.96
N TRP A 381 -6.24 -4.89 -17.94
CA TRP A 381 -5.81 -5.69 -16.76
C TRP A 381 -4.95 -4.80 -15.84
N ASN A 382 -5.58 -4.23 -14.80
CA ASN A 382 -5.04 -3.19 -13.88
C ASN A 382 -4.54 -2.00 -14.70
N CYS A 383 -5.35 -1.57 -15.67
CA CYS A 383 -5.18 -0.27 -16.36
C CYS A 383 -6.39 0.60 -16.00
N ASN A 384 -6.20 1.51 -15.03
CA ASN A 384 -7.30 2.25 -14.35
C ASN A 384 -7.73 3.43 -15.22
N VAL A 385 -8.96 3.39 -15.74
CA VAL A 385 -9.48 4.46 -16.62
C VAL A 385 -10.76 5.01 -16.00
N ASP A 386 -11.14 6.24 -16.38
CA ASP A 386 -12.32 6.96 -15.82
C ASP A 386 -13.61 6.17 -16.12
N ARG A 387 -13.71 5.59 -17.33
CA ARG A 387 -14.94 4.93 -17.81
C ARG A 387 -14.58 3.91 -18.89
N TYR A 388 -14.78 2.63 -18.62
CA TYR A 388 -14.42 1.55 -19.57
C TYR A 388 -15.46 1.53 -20.69
N PRO A 389 -15.04 1.24 -21.92
CA PRO A 389 -15.98 0.98 -22.99
C PRO A 389 -16.75 -0.31 -22.72
N ALA A 390 -17.94 -0.45 -23.32
CA ALA A 390 -18.86 -1.59 -23.09
C ALA A 390 -18.17 -2.89 -23.52
N ASN A 391 -17.28 -2.90 -24.53
CA ASN A 391 -16.66 -4.15 -25.04
C ASN A 391 -15.34 -4.45 -24.30
N SER A 392 -15.37 -4.46 -22.95
CA SER A 392 -14.17 -4.59 -22.08
C SER A 392 -14.22 -5.81 -21.16
N ILE A 393 -13.02 -6.33 -20.88
CA ILE A 393 -12.67 -7.28 -19.79
C ILE A 393 -11.78 -6.45 -18.86
N VAL A 394 -12.12 -6.35 -17.57
CA VAL A 394 -11.40 -5.42 -16.66
C VAL A 394 -11.05 -6.10 -15.35
N CYS A 395 -9.81 -5.91 -14.89
CA CYS A 395 -9.36 -6.14 -13.50
C CYS A 395 -8.97 -4.77 -12.93
N ARG A 396 -9.61 -4.36 -11.84
CA ARG A 396 -9.42 -3.02 -11.24
C ARG A 396 -9.22 -3.23 -9.74
N PHE A 397 -8.09 -2.76 -9.23
CA PHE A 397 -7.74 -2.85 -7.80
C PHE A 397 -8.69 -1.94 -7.02
N ASP A 398 -9.33 -2.46 -5.99
CA ASP A 398 -10.23 -1.69 -5.10
C ASP A 398 -9.38 -1.15 -3.95
N THR A 399 -9.12 0.15 -4.01
CA THR A 399 -8.23 0.89 -3.08
C THR A 399 -8.78 0.81 -1.65
N ARG A 400 -10.08 0.57 -1.45
CA ARG A 400 -10.69 0.59 -0.09
C ARG A 400 -10.34 -0.68 0.69
N VAL A 401 -9.70 -1.67 0.08
CA VAL A 401 -9.50 -3.01 0.74
C VAL A 401 -8.52 -2.89 1.90
N LEU A 402 -8.86 -3.50 3.04
CA LEU A 402 -7.95 -3.63 4.21
C LEU A 402 -7.05 -4.86 4.03
N SER A 403 -5.74 -4.63 3.88
CA SER A 403 -4.70 -5.69 3.92
C SER A 403 -3.36 -5.09 4.35
N ASN A 404 -2.42 -5.99 4.61
CA ASN A 404 -1.00 -5.66 4.94
C ASN A 404 -0.29 -5.16 3.69
N LEU A 405 -0.82 -5.45 2.49
CA LEU A 405 -0.15 -5.04 1.22
C LEU A 405 -0.54 -3.61 0.85
N ASN A 406 -1.72 -3.19 1.30
CA ASN A 406 -2.41 -1.95 0.84
C ASN A 406 -2.35 -0.90 1.94
N LEU A 407 -1.54 0.13 1.73
CA LEU A 407 -1.35 1.26 2.68
C LEU A 407 -2.25 2.41 2.25
N PRO A 408 -2.77 3.22 3.20
CA PRO A 408 -3.55 4.41 2.88
C PRO A 408 -2.73 5.38 2.01
N GLY A 409 -3.38 6.01 1.04
CA GLY A 409 -2.71 6.85 0.04
C GLY A 409 -3.27 8.26 0.01
N CYS A 410 -3.06 8.95 -1.11
N CYS A 410 -3.03 8.94 -1.10
CA CYS A 410 -3.36 10.39 -1.32
CA CYS A 410 -3.41 10.36 -1.35
C CYS A 410 -4.67 10.54 -2.13
C CYS A 410 -4.74 10.46 -2.09
N ASP A 411 -5.59 11.36 -1.60
CA ASP A 411 -6.84 11.78 -2.28
C ASP A 411 -7.73 10.55 -2.58
N GLY A 412 -7.84 9.62 -1.64
CA GLY A 412 -8.68 8.40 -1.75
C GLY A 412 -7.94 7.23 -2.39
N GLY A 413 -6.81 7.48 -3.03
CA GLY A 413 -5.96 6.41 -3.59
C GLY A 413 -5.33 5.60 -2.47
N SER A 414 -4.68 4.49 -2.80
CA SER A 414 -4.04 3.60 -1.83
C SER A 414 -2.68 3.24 -2.42
N LEU A 415 -1.72 2.99 -1.53
CA LEU A 415 -0.36 2.58 -1.91
C LEU A 415 -0.28 1.07 -1.76
N TYR A 416 -0.38 0.33 -2.87
CA TYR A 416 -0.38 -1.14 -2.89
C TYR A 416 1.06 -1.60 -3.07
N VAL A 417 1.60 -2.26 -2.06
CA VAL A 417 3.04 -2.63 -2.07
C VAL A 417 3.11 -4.15 -2.12
N ASN A 418 3.51 -4.66 -3.27
CA ASN A 418 3.63 -6.11 -3.56
C ASN A 418 4.79 -6.24 -4.54
N LYS A 419 5.97 -6.61 -4.03
CA LYS A 419 7.26 -6.60 -4.74
C LYS A 419 7.63 -5.13 -5.05
N HIS A 420 6.77 -4.38 -5.74
CA HIS A 420 6.96 -2.93 -6.04
C HIS A 420 5.83 -2.13 -5.40
N ALA A 421 6.00 -0.81 -5.29
CA ALA A 421 4.99 0.12 -4.72
C ALA A 421 4.23 0.78 -5.88
N PHE A 422 2.90 0.71 -5.83
CA PHE A 422 1.97 1.26 -6.86
C PHE A 422 0.93 2.14 -6.18
N HIS A 423 1.10 3.45 -6.23
CA HIS A 423 0.00 4.36 -5.79
C HIS A 423 -1.12 4.18 -6.80
N THR A 424 -2.34 3.96 -6.34
CA THR A 424 -3.48 3.56 -7.20
C THR A 424 -4.58 4.58 -6.97
N PRO A 425 -5.12 5.19 -8.04
CA PRO A 425 -6.19 6.18 -7.91
C PRO A 425 -7.43 5.57 -7.27
N ALA A 426 -8.16 6.35 -6.47
CA ALA A 426 -9.35 5.90 -5.71
C ALA A 426 -10.25 5.04 -6.60
N PHE A 427 -10.68 3.89 -6.08
CA PHE A 427 -11.70 3.05 -6.73
C PHE A 427 -12.98 3.88 -6.94
N ASP A 428 -13.51 3.83 -8.16
CA ASP A 428 -14.74 4.58 -8.54
C ASP A 428 -15.71 3.61 -9.24
N LYS A 429 -16.89 3.39 -8.66
CA LYS A 429 -17.94 2.47 -9.18
C LYS A 429 -18.46 2.95 -10.54
N SER A 430 -18.49 4.27 -10.81
CA SER A 430 -19.06 4.82 -12.06
C SER A 430 -18.17 4.46 -13.26
N ALA A 431 -16.93 4.05 -13.03
CA ALA A 431 -16.02 3.62 -14.12
C ALA A 431 -16.60 2.40 -14.85
N PHE A 432 -17.45 1.61 -14.19
CA PHE A 432 -17.91 0.26 -14.62
C PHE A 432 -19.35 0.30 -15.16
N VAL A 433 -19.92 1.47 -15.44
CA VAL A 433 -21.36 1.64 -15.81
C VAL A 433 -21.67 0.85 -17.08
N ASN A 434 -20.73 0.68 -18.01
CA ASN A 434 -20.99 -0.06 -19.27
C ASN A 434 -20.81 -1.57 -19.08
N LEU A 435 -20.43 -2.04 -17.90
CA LEU A 435 -20.04 -3.45 -17.68
C LEU A 435 -20.92 -4.06 -16.58
N LYS A 436 -20.78 -5.36 -16.37
CA LYS A 436 -21.28 -6.03 -15.14
C LYS A 436 -20.11 -6.70 -14.41
N GLN A 437 -20.34 -7.08 -13.15
CA GLN A 437 -19.36 -7.89 -12.39
C GLN A 437 -19.20 -9.23 -13.10
N LEU A 438 -17.96 -9.72 -13.21
CA LEU A 438 -17.71 -11.04 -13.81
C LEU A 438 -18.02 -12.08 -12.74
N PRO A 439 -18.95 -13.02 -13.00
CA PRO A 439 -19.23 -14.05 -12.01
C PRO A 439 -18.11 -15.10 -12.02
N PHE A 440 -17.90 -15.75 -10.88
CA PHE A 440 -16.99 -16.91 -10.73
C PHE A 440 -17.43 -18.04 -11.66
N PHE A 441 -16.45 -18.62 -12.36
CA PHE A 441 -16.61 -19.88 -13.10
C PHE A 441 -15.22 -20.45 -13.29
N TYR A 442 -15.18 -21.75 -13.50
CA TYR A 442 -13.97 -22.51 -13.87
C TYR A 442 -14.28 -23.18 -15.19
N TYR A 443 -13.41 -23.03 -16.19
CA TYR A 443 -13.60 -23.65 -17.52
C TYR A 443 -12.34 -24.45 -17.84
N SER A 444 -12.48 -25.64 -18.40
CA SER A 444 -11.34 -26.45 -18.90
C SER A 444 -11.78 -27.36 -20.04
N ASP A 445 -10.94 -27.40 -21.07
CA ASP A 445 -11.02 -28.33 -22.22
C ASP A 445 -9.94 -29.40 -22.05
N SER A 446 -9.20 -29.41 -20.94
CA SER A 446 -8.15 -30.41 -20.66
C SER A 446 -8.81 -31.78 -20.55
N PRO A 447 -8.12 -32.88 -20.94
CA PRO A 447 -8.69 -34.22 -20.82
C PRO A 447 -8.95 -34.61 -19.35
N CYS A 448 -10.04 -35.35 -19.14
CA CYS A 448 -10.40 -35.93 -17.82
C CYS A 448 -9.43 -37.09 -17.57
N GLU A 449 -8.47 -36.90 -16.68
CA GLU A 449 -7.28 -37.78 -16.56
C GLU A 449 -6.47 -37.33 -15.35
N SER A 450 -6.48 -38.14 -14.29
CA SER A 450 -5.96 -37.87 -12.91
C SER A 450 -4.44 -37.64 -12.92
N HIS A 451 -3.64 -38.68 -13.18
CA HIS A 451 -2.15 -38.67 -13.15
C HIS A 451 -1.63 -38.57 -11.70
N GLY A 452 -0.36 -38.95 -11.49
CA GLY A 452 0.38 -38.76 -10.22
C GLY A 452 0.01 -39.79 -9.19
N ILE A 459 -3.91 -35.42 -1.94
CA ILE A 459 -5.19 -35.15 -2.66
C ILE A 459 -6.17 -36.29 -2.36
N ASP A 460 -7.07 -36.11 -1.37
CA ASP A 460 -8.20 -37.03 -1.08
C ASP A 460 -9.54 -36.32 -1.37
N TYR A 461 -10.57 -37.09 -1.77
CA TYR A 461 -11.73 -36.67 -2.59
C TYR A 461 -13.01 -36.66 -1.76
N VAL A 462 -13.81 -35.61 -1.95
CA VAL A 462 -15.31 -35.63 -1.92
C VAL A 462 -15.76 -35.29 -3.34
N PRO A 463 -16.69 -36.05 -3.97
CA PRO A 463 -17.15 -35.71 -5.32
C PRO A 463 -17.67 -34.28 -5.39
N LEU A 464 -17.24 -33.53 -6.42
CA LEU A 464 -17.64 -32.11 -6.63
C LEU A 464 -18.97 -32.05 -7.37
N LYS A 465 -19.93 -31.31 -6.83
CA LYS A 465 -21.15 -30.84 -7.55
C LYS A 465 -21.11 -29.31 -7.63
N SER A 466 -21.08 -28.75 -8.83
CA SER A 466 -21.06 -27.28 -9.04
C SER A 466 -21.62 -26.99 -10.42
N ALA A 467 -22.59 -26.08 -10.49
CA ALA A 467 -23.08 -25.49 -11.75
C ALA A 467 -21.95 -24.72 -12.46
N THR A 468 -20.91 -24.25 -11.77
CA THR A 468 -19.88 -23.33 -12.36
C THR A 468 -18.59 -24.09 -12.73
N CYS A 469 -18.61 -25.42 -12.75
CA CYS A 469 -17.47 -26.24 -13.21
C CYS A 469 -17.73 -26.60 -14.67
N ILE A 470 -17.18 -25.83 -15.60
CA ILE A 470 -17.55 -25.95 -17.03
C ILE A 470 -16.54 -26.86 -17.72
N THR A 471 -16.84 -28.17 -17.69
CA THR A 471 -15.98 -29.27 -18.19
C THR A 471 -16.86 -30.29 -18.93
N ARG A 472 -16.26 -31.06 -19.85
CA ARG A 472 -16.88 -32.22 -20.54
C ARG A 472 -17.53 -33.12 -19.48
N CYS A 473 -16.79 -33.46 -18.42
CA CYS A 473 -17.25 -34.40 -17.38
C CYS A 473 -18.55 -33.88 -16.75
N ASN A 474 -18.64 -32.58 -16.49
CA ASN A 474 -19.82 -32.00 -15.82
C ASN A 474 -20.96 -31.94 -16.85
N LEU A 475 -20.61 -31.76 -18.12
CA LEU A 475 -21.60 -31.78 -19.23
C LEU A 475 -22.25 -33.17 -19.21
N GLY A 476 -21.41 -34.21 -19.08
CA GLY A 476 -21.79 -35.62 -18.96
C GLY A 476 -22.40 -35.99 -17.62
N GLY A 477 -22.55 -35.04 -16.69
CA GLY A 477 -23.33 -35.22 -15.45
C GLY A 477 -22.50 -35.63 -14.23
N ALA A 478 -21.21 -35.97 -14.38
CA ALA A 478 -20.30 -36.40 -13.27
C ALA A 478 -18.89 -35.81 -13.39
N VAL A 479 -18.50 -34.88 -12.51
CA VAL A 479 -17.16 -34.20 -12.56
C VAL A 479 -16.06 -35.22 -12.22
N CYS A 480 -15.07 -35.40 -13.11
CA CYS A 480 -13.91 -36.32 -12.90
C CYS A 480 -13.00 -35.76 -11.79
N ARG A 481 -12.14 -36.61 -11.20
CA ARG A 481 -11.33 -36.22 -10.01
C ARG A 481 -10.38 -35.08 -10.39
N HIS A 482 -9.69 -35.21 -11.53
CA HIS A 482 -8.75 -34.19 -12.03
C HIS A 482 -9.43 -32.81 -12.05
N HIS A 483 -10.57 -32.67 -12.74
CA HIS A 483 -11.25 -31.36 -12.94
C HIS A 483 -11.79 -30.87 -11.60
N ALA A 484 -12.11 -31.76 -10.67
CA ALA A 484 -12.55 -31.42 -9.29
C ALA A 484 -11.38 -30.82 -8.51
N ASN A 485 -10.17 -31.34 -8.67
CA ASN A 485 -8.93 -30.86 -8.00
C ASN A 485 -8.59 -29.48 -8.55
N GLU A 486 -8.58 -29.34 -9.88
CA GLU A 486 -8.30 -28.10 -10.63
C GLU A 486 -9.35 -27.04 -10.25
N TYR A 487 -10.62 -27.41 -10.14
CA TYR A 487 -11.73 -26.48 -9.81
C TYR A 487 -11.40 -25.87 -8.45
N ARG A 488 -11.08 -26.75 -7.50
CA ARG A 488 -10.91 -26.36 -6.08
C ARG A 488 -9.65 -25.51 -5.94
N LEU A 489 -8.59 -25.83 -6.69
CA LEU A 489 -7.36 -24.99 -6.71
C LEU A 489 -7.69 -23.61 -7.29
N TYR A 490 -8.44 -23.56 -8.40
CA TYR A 490 -8.80 -22.31 -9.09
C TYR A 490 -9.74 -21.47 -8.22
N LEU A 491 -10.72 -22.08 -7.57
CA LEU A 491 -11.62 -21.34 -6.65
C LEU A 491 -10.77 -20.70 -5.53
N ASP A 492 -9.76 -21.42 -5.04
CA ASP A 492 -8.82 -20.91 -3.99
C ASP A 492 -8.05 -19.70 -4.54
N ALA A 493 -7.38 -19.85 -5.69
CA ALA A 493 -6.67 -18.75 -6.38
C ALA A 493 -7.61 -17.55 -6.57
N TYR A 494 -8.80 -17.76 -7.10
CA TYR A 494 -9.83 -16.71 -7.33
C TYR A 494 -10.13 -15.98 -6.02
N ASN A 495 -10.45 -16.70 -4.95
CA ASN A 495 -10.82 -16.10 -3.63
C ASN A 495 -9.63 -15.30 -3.07
N MET A 496 -8.42 -15.82 -3.24
CA MET A 496 -7.19 -15.13 -2.80
C MET A 496 -7.19 -13.73 -3.44
N MET A 497 -7.31 -13.73 -4.76
CA MET A 497 -7.15 -12.53 -5.62
C MET A 497 -8.23 -11.49 -5.25
N ILE A 498 -9.44 -11.96 -5.00
CA ILE A 498 -10.60 -11.06 -4.71
C ILE A 498 -10.33 -10.41 -3.35
N SER A 499 -10.02 -11.22 -2.36
CA SER A 499 -9.83 -10.76 -0.97
C SER A 499 -8.58 -9.85 -0.89
N ALA A 500 -7.61 -9.96 -1.80
CA ALA A 500 -6.47 -9.04 -1.94
C ALA A 500 -6.91 -7.66 -2.45
N GLY A 501 -8.12 -7.56 -3.03
CA GLY A 501 -8.78 -6.28 -3.37
C GLY A 501 -9.05 -6.11 -4.86
N PHE A 502 -8.66 -7.07 -5.69
CA PHE A 502 -8.95 -7.04 -7.15
C PHE A 502 -10.43 -7.30 -7.39
N SER A 503 -11.01 -6.58 -8.35
CA SER A 503 -12.43 -6.71 -8.79
C SER A 503 -12.43 -6.92 -10.29
N LEU A 504 -13.35 -7.73 -10.78
CA LEU A 504 -13.36 -8.21 -12.18
C LEU A 504 -14.70 -7.81 -12.80
N TRP A 505 -14.65 -7.25 -14.01
CA TRP A 505 -15.82 -6.66 -14.69
C TRP A 505 -15.80 -7.13 -16.14
N VAL A 506 -16.97 -7.30 -16.75
CA VAL A 506 -17.05 -7.86 -18.13
C VAL A 506 -18.19 -7.23 -18.92
N TYR A 507 -18.06 -7.28 -20.24
CA TYR A 507 -19.13 -6.84 -21.16
C TYR A 507 -20.41 -7.60 -20.80
N LYS A 508 -21.56 -6.93 -20.91
CA LYS A 508 -22.87 -7.41 -20.41
C LYS A 508 -23.32 -8.69 -21.11
N GLN A 509 -22.92 -8.92 -22.37
CA GLN A 509 -23.36 -10.09 -23.16
C GLN A 509 -22.63 -11.35 -22.67
N PHE A 510 -21.58 -11.22 -21.85
CA PHE A 510 -20.79 -12.39 -21.42
C PHE A 510 -21.71 -13.39 -20.71
N ASP A 511 -21.71 -14.63 -21.19
CA ASP A 511 -22.59 -15.71 -20.66
C ASP A 511 -21.83 -17.02 -20.71
N THR A 512 -21.60 -17.65 -19.55
CA THR A 512 -20.88 -18.95 -19.45
C THR A 512 -21.67 -20.05 -20.15
N TYR A 513 -22.98 -19.84 -20.39
CA TYR A 513 -23.79 -20.85 -21.12
C TYR A 513 -23.17 -21.09 -22.49
N ASN A 514 -22.54 -20.07 -23.09
CA ASN A 514 -21.95 -20.16 -24.45
C ASN A 514 -20.73 -21.08 -24.43
N LEU A 515 -20.18 -21.43 -23.26
CA LEU A 515 -18.94 -22.26 -23.20
C LEU A 515 -19.25 -23.76 -23.36
N TRP A 516 -20.46 -24.22 -23.04
CA TRP A 516 -20.78 -25.68 -23.02
C TRP A 516 -20.64 -26.28 -24.43
N ASN A 517 -20.84 -25.48 -25.49
CA ASN A 517 -20.79 -25.97 -26.89
C ASN A 517 -19.36 -25.97 -27.43
N THR A 518 -18.36 -25.57 -26.65
CA THR A 518 -16.92 -25.67 -27.07
C THR A 518 -16.42 -27.09 -26.80
N PHE A 519 -17.24 -27.94 -26.19
CA PHE A 519 -17.15 -29.42 -26.29
C PHE A 519 -18.48 -29.93 -26.89
N THR A 520 -18.39 -30.89 -27.82
CA THR A 520 -19.57 -31.61 -28.40
C THR A 520 -19.13 -33.03 -28.81
ZN ZN B . -4.49 13.69 2.17
ZN ZN C . -13.10 -33.99 -16.21
ZN ZN D . 10.54 -10.89 18.63
P PO4 E . 10.58 -2.59 5.72
O1 PO4 E . 9.63 -2.90 4.57
O2 PO4 E . 10.51 -3.69 6.80
O3 PO4 E . 12.01 -2.54 5.18
O4 PO4 E . 10.18 -1.25 6.33
P PO4 F . -6.61 -27.36 -16.40
O1 PO4 F . -6.31 -28.87 -16.33
O2 PO4 F . -7.63 -27.06 -17.53
O3 PO4 F . -7.19 -26.87 -15.05
O4 PO4 F . -5.31 -26.60 -16.71
N1 I8D G . 14.30 20.36 21.92
C4 I8D G . 14.37 20.14 24.37
C5 I8D G . 15.36 19.79 25.28
C6 I8D G . 15.37 20.31 26.56
C7 I8D G . 14.36 19.54 22.99
C8 I8D G . 14.12 19.86 20.55
C10 I8D G . 15.73 22.26 21.29
CL1 I8D G . 14.38 21.89 28.50
C1 I8D G . 14.38 21.19 26.91
C2 I8D G . 13.38 21.57 26.04
C3 I8D G . 13.38 21.03 24.76
O1 I8D G . 14.45 18.32 22.90
C9 I8D G . 15.37 20.07 19.73
S1 I8D G . 15.83 21.81 19.55
C11 I8D G . 14.43 21.83 21.95
#